data_9HBA
#
_entry.id   9HBA
#
_cell.length_a   92.178
_cell.length_b   92.178
_cell.length_c   142.973
_cell.angle_alpha   90.000
_cell.angle_beta   90.000
_cell.angle_gamma   120.000
#
_symmetry.space_group_name_H-M   'P 32 2 1'
#
loop_
_entity.id
_entity.type
_entity.pdbx_description
1 polymer 'Hemoglobin subunit alpha'
2 polymer 'Hemoglobin subunit beta'
3 non-polymer 'PROTOPORPHYRIN IX CONTAINING FE'
4 non-polymer GLYCEROL
5 non-polymer '4-[2-[[5-(1H-indol-3-yl)-1,3,4-oxadiazol-2-yl]sulfanyl]ethanoylamino]benzoic acid'
6 non-polymer 'DIMETHYL SULFOXIDE'
7 non-polymer 'CARBON MONOXIDE'
8 non-polymer 'ACETIC ACID'
9 non-polymer 'SULFATE ION'
10 non-polymer 'TRIETHYLENE GLYCOL'
11 water water
#
loop_
_entity_poly.entity_id
_entity_poly.type
_entity_poly.pdbx_seq_one_letter_code
_entity_poly.pdbx_strand_id
1 'polypeptide(L)'
;VLSPADKTNVKAAWGKVGAHAGEYGAEALERMFLSFPTTKTYFPHFDLSHGSAQVKGHGKKVADALTNAVAHVDDMPNAL
SALSDLHAHKLRVDPVNFKLLSHCLLVTLAAHLPAEFTPAVHASLDKFLASVSTVLTSKYR
;
A,C
2 'polypeptide(L)'
;VHLTPEEKSAVTALWGKVNVDEVGGEALGRLLVVYPWTQRFFESFGDLSTPDAVMGNPKVKAHGKKVLGAFSDGLAHLDN
LKGTFATLSELHCDKLHVDPENFRLLGNVLVCVLAHHFGKEFTPPVQAAYQKVVAGVANALAHKYH
;
B,D
#
# COMPACT_ATOMS: atom_id res chain seq x y z
N VAL A 1 10.14 -10.56 -2.63
CA VAL A 1 11.27 -11.54 -2.70
C VAL A 1 11.14 -12.21 -4.07
N LEU A 2 12.26 -12.27 -4.80
CA LEU A 2 12.30 -12.71 -6.20
C LEU A 2 12.62 -14.20 -6.26
N SER A 3 11.94 -14.86 -7.19
CA SER A 3 12.26 -16.25 -7.55
C SER A 3 13.46 -16.23 -8.50
N PRO A 4 14.10 -17.39 -8.76
CA PRO A 4 15.13 -17.47 -9.80
C PRO A 4 14.63 -17.03 -11.16
N ALA A 5 13.39 -17.39 -11.50
CA ALA A 5 12.84 -17.00 -12.79
C ALA A 5 12.66 -15.47 -12.83
N ASP A 6 12.23 -14.85 -11.71
CA ASP A 6 12.13 -13.39 -11.67
C ASP A 6 13.49 -12.74 -11.95
N LYS A 7 14.55 -13.29 -11.32
CA LYS A 7 15.88 -12.72 -11.50
C LYS A 7 16.34 -12.84 -12.95
N THR A 8 16.12 -14.03 -13.55
CA THR A 8 16.40 -14.24 -14.96
C THR A 8 15.65 -13.24 -15.83
N ASN A 9 14.34 -13.11 -15.60
CA ASN A 9 13.51 -12.24 -16.42
C ASN A 9 14.01 -10.80 -16.33
N VAL A 10 14.36 -10.34 -15.13
CA VAL A 10 14.74 -8.95 -14.97
C VAL A 10 16.07 -8.66 -15.67
N LYS A 11 17.03 -9.54 -15.46
CA LYS A 11 18.35 -9.37 -16.09
C LYS A 11 18.20 -9.39 -17.61
N ALA A 12 17.38 -10.29 -18.15
CA ALA A 12 17.16 -10.35 -19.59
C ALA A 12 16.47 -9.09 -20.12
N ALA A 13 15.38 -8.64 -19.49
CA ALA A 13 14.66 -7.46 -19.95
C ALA A 13 15.51 -6.19 -19.84
N TRP A 14 16.17 -5.97 -18.70
CA TRP A 14 16.97 -4.78 -18.56
C TRP A 14 18.19 -4.85 -19.50
N GLY A 15 18.73 -6.07 -19.72
CA GLY A 15 19.80 -6.29 -20.69
C GLY A 15 19.44 -5.86 -22.12
N LYS A 16 18.17 -6.03 -22.48
CA LYS A 16 17.60 -5.63 -23.75
C LYS A 16 17.52 -4.11 -23.86
N VAL A 17 17.17 -3.43 -22.77
CA VAL A 17 17.14 -1.97 -22.74
C VAL A 17 18.52 -1.43 -23.10
N GLY A 18 19.55 -1.99 -22.49
CA GLY A 18 20.93 -1.64 -22.81
C GLY A 18 21.15 -0.12 -22.85
N ALA A 19 21.69 0.35 -23.97
CA ALA A 19 22.07 1.74 -24.19
C ALA A 19 20.89 2.70 -24.12
N HIS A 20 19.66 2.18 -24.19
CA HIS A 20 18.49 3.02 -24.07
C HIS A 20 18.23 3.41 -22.61
N ALA A 21 18.96 2.81 -21.65
CA ALA A 21 18.62 2.95 -20.23
C ALA A 21 18.37 4.40 -19.83
N GLY A 22 19.28 5.33 -20.15
CA GLY A 22 19.09 6.70 -19.72
C GLY A 22 17.90 7.38 -20.41
N GLU A 23 17.79 7.20 -21.73
CA GLU A 23 16.66 7.72 -22.46
C GLU A 23 15.38 7.23 -21.79
N TYR A 24 15.30 5.93 -21.47
CA TYR A 24 14.04 5.38 -20.96
C TYR A 24 13.80 5.86 -19.52
N GLY A 25 14.87 6.00 -18.74
CA GLY A 25 14.75 6.57 -17.41
C GLY A 25 14.18 7.99 -17.44
N ALA A 26 14.70 8.83 -18.36
CA ALA A 26 14.22 10.18 -18.52
C ALA A 26 12.76 10.20 -18.99
N GLU A 27 12.40 9.31 -19.92
CA GLU A 27 11.02 9.21 -20.36
C GLU A 27 10.10 8.85 -19.20
N ALA A 28 10.55 7.92 -18.36
CA ALA A 28 9.72 7.50 -17.23
C ALA A 28 9.51 8.64 -16.23
N LEU A 29 10.56 9.45 -16.01
CA LEU A 29 10.44 10.60 -15.14
C LEU A 29 9.44 11.57 -15.74
N GLU A 30 9.55 11.81 -17.04
CA GLU A 30 8.62 12.74 -17.68
C GLU A 30 7.17 12.24 -17.56
N ARG A 31 6.94 10.95 -17.82
CA ARG A 31 5.62 10.37 -17.65
C ARG A 31 5.12 10.61 -16.23
N MET A 32 6.00 10.45 -15.25
CA MET A 32 5.62 10.58 -13.86
C MET A 32 5.25 12.05 -13.58
N PHE A 33 6.07 13.01 -14.03
CA PHE A 33 5.78 14.41 -13.73
C PHE A 33 4.49 14.90 -14.36
N LEU A 34 4.17 14.39 -15.55
CA LEU A 34 2.96 14.76 -16.27
C LEU A 34 1.74 14.05 -15.70
N SER A 35 1.85 12.73 -15.41
CA SER A 35 0.72 11.95 -14.91
C SER A 35 0.38 12.23 -13.46
N PHE A 36 1.43 12.46 -12.65
CA PHE A 36 1.28 12.56 -11.19
C PHE A 36 2.03 13.80 -10.75
N PRO A 37 1.47 14.98 -11.02
CA PRO A 37 2.20 16.24 -10.78
C PRO A 37 2.70 16.49 -9.34
N THR A 38 2.10 15.82 -8.36
CA THR A 38 2.54 16.00 -6.98
C THR A 38 3.98 15.53 -6.80
N THR A 39 4.47 14.66 -7.69
CA THR A 39 5.84 14.16 -7.62
C THR A 39 6.86 15.24 -7.89
N LYS A 40 6.44 16.34 -8.57
CA LYS A 40 7.34 17.44 -8.85
C LYS A 40 7.78 18.17 -7.57
N THR A 41 7.05 17.94 -6.45
CA THR A 41 7.46 18.51 -5.16
C THR A 41 8.85 18.07 -4.74
N TYR A 42 9.35 16.93 -5.29
CA TYR A 42 10.68 16.47 -4.91
C TYR A 42 11.77 17.16 -5.72
N PHE A 43 11.38 17.87 -6.80
CA PHE A 43 12.34 18.43 -7.74
C PHE A 43 12.05 19.91 -7.96
N PRO A 44 11.90 20.69 -6.87
CA PRO A 44 11.24 21.99 -6.96
C PRO A 44 12.03 23.02 -7.76
N HIS A 45 13.36 22.84 -7.77
CA HIS A 45 14.28 23.74 -8.43
C HIS A 45 14.75 23.22 -9.78
N PHE A 46 14.18 22.10 -10.27
CA PHE A 46 14.54 21.56 -11.58
C PHE A 46 13.75 22.27 -12.69
N ASP A 47 14.35 22.27 -13.89
CA ASP A 47 13.65 22.47 -15.16
C ASP A 47 13.08 21.12 -15.58
N LEU A 48 11.75 21.00 -15.49
CA LEU A 48 11.03 19.77 -15.81
C LEU A 48 10.28 19.86 -17.13
N SER A 49 10.64 20.83 -17.99
CA SER A 49 10.05 20.99 -19.31
C SER A 49 10.40 19.80 -20.20
N HIS A 50 9.56 19.56 -21.21
CA HIS A 50 9.88 18.56 -22.22
C HIS A 50 11.23 18.90 -22.87
N GLY A 51 12.12 17.91 -22.92
CA GLY A 51 13.44 18.06 -23.54
C GLY A 51 14.50 18.51 -22.54
N SER A 52 14.12 18.61 -21.26
CA SER A 52 15.00 19.19 -20.27
C SER A 52 16.30 18.40 -20.17
N ALA A 53 17.43 19.11 -20.24
CA ALA A 53 18.70 18.47 -20.00
C ALA A 53 18.80 17.92 -18.58
N GLN A 54 18.17 18.58 -17.60
CA GLN A 54 18.28 18.14 -16.22
C GLN A 54 17.52 16.84 -16.06
N VAL A 55 16.35 16.73 -16.72
CA VAL A 55 15.60 15.48 -16.66
C VAL A 55 16.38 14.37 -17.38
N LYS A 56 17.00 14.66 -18.53
CA LYS A 56 17.85 13.69 -19.22
C LYS A 56 18.96 13.18 -18.32
N GLY A 57 19.64 14.09 -17.63
CA GLY A 57 20.79 13.73 -16.80
C GLY A 57 20.35 12.93 -15.57
N HIS A 58 19.24 13.35 -14.97
CA HIS A 58 18.69 12.62 -13.84
C HIS A 58 18.21 11.22 -14.28
N GLY A 59 17.54 11.14 -15.43
CA GLY A 59 17.10 9.86 -15.99
C GLY A 59 18.24 8.86 -16.15
N LYS A 60 19.41 9.35 -16.61
CA LYS A 60 20.60 8.52 -16.74
C LYS A 60 21.06 8.01 -15.37
N LYS A 61 21.02 8.88 -14.35
CA LYS A 61 21.46 8.48 -13.03
C LYS A 61 20.57 7.36 -12.45
N VAL A 62 19.24 7.54 -12.60
CA VAL A 62 18.26 6.56 -12.14
C VAL A 62 18.50 5.24 -12.88
N ALA A 63 18.70 5.34 -14.20
CA ALA A 63 18.90 4.16 -15.03
C ALA A 63 20.14 3.37 -14.59
N ASP A 64 21.26 4.08 -14.37
CA ASP A 64 22.50 3.46 -13.94
C ASP A 64 22.36 2.80 -12.56
N ALA A 65 21.56 3.39 -11.70
CA ALA A 65 21.29 2.82 -10.39
C ALA A 65 20.51 1.51 -10.55
N LEU A 66 19.53 1.50 -11.46
CA LEU A 66 18.78 0.27 -11.71
C LEU A 66 19.71 -0.80 -12.26
N THR A 67 20.61 -0.44 -13.19
CA THR A 67 21.55 -1.40 -13.73
C THR A 67 22.37 -2.04 -12.62
N ASN A 68 22.79 -1.24 -11.66
CA ASN A 68 23.55 -1.71 -10.52
C ASN A 68 22.70 -2.66 -9.66
N ALA A 69 21.42 -2.30 -9.47
CA ALA A 69 20.49 -3.13 -8.69
C ALA A 69 20.24 -4.47 -9.36
N VAL A 70 20.13 -4.45 -10.69
CA VAL A 70 19.92 -5.68 -11.44
C VAL A 70 21.15 -6.58 -11.30
N ALA A 71 22.35 -5.99 -11.45
CA ALA A 71 23.58 -6.77 -11.32
C ALA A 71 23.68 -7.39 -9.91
N HIS A 72 23.30 -6.60 -8.89
CA HIS A 72 23.43 -6.98 -7.49
C HIS A 72 22.06 -7.33 -6.88
N VAL A 73 21.22 -8.05 -7.62
CA VAL A 73 19.89 -8.38 -7.13
C VAL A 73 19.93 -9.15 -5.81
N ASP A 74 21.01 -9.92 -5.56
CA ASP A 74 21.08 -10.71 -4.35
C ASP A 74 21.93 -10.05 -3.28
N ASP A 75 22.25 -8.77 -3.47
CA ASP A 75 23.04 -8.01 -2.52
C ASP A 75 22.55 -6.55 -2.49
N MET A 76 21.24 -6.34 -2.58
CA MET A 76 20.75 -4.98 -2.81
C MET A 76 20.91 -4.07 -1.61
N PRO A 77 20.68 -4.48 -0.33
CA PRO A 77 20.92 -3.55 0.76
C PRO A 77 22.34 -2.99 0.80
N ASN A 78 23.31 -3.85 0.49
CA ASN A 78 24.70 -3.39 0.43
C ASN A 78 24.91 -2.48 -0.79
N ALA A 79 24.52 -2.96 -1.96
CA ALA A 79 24.80 -2.25 -3.20
C ALA A 79 24.13 -0.89 -3.23
N LEU A 80 22.91 -0.81 -2.66
CA LEU A 80 22.13 0.39 -2.78
C LEU A 80 22.16 1.24 -1.51
N SER A 81 23.09 0.98 -0.61
CA SER A 81 23.03 1.62 0.70
C SER A 81 23.12 3.15 0.63
N ALA A 82 23.89 3.74 -0.33
CA ALA A 82 24.00 5.18 -0.44
C ALA A 82 22.70 5.76 -0.98
N LEU A 83 22.00 4.99 -1.80
CA LEU A 83 20.73 5.46 -2.33
C LEU A 83 19.64 5.36 -1.26
N SER A 84 19.74 4.37 -0.38
CA SER A 84 18.88 4.35 0.79
C SER A 84 19.13 5.58 1.68
N ASP A 85 20.42 5.85 1.93
CA ASP A 85 20.78 7.07 2.65
C ASP A 85 20.09 8.29 2.03
N LEU A 86 20.20 8.43 0.71
CA LEU A 86 19.65 9.57 0.02
C LEU A 86 18.11 9.60 0.13
N HIS A 87 17.44 8.49 -0.21
CA HIS A 87 16.00 8.54 -0.35
C HIS A 87 15.25 8.40 0.98
N ALA A 88 15.78 7.59 1.90
CA ALA A 88 15.11 7.26 3.15
C ALA A 88 15.58 8.20 4.25
N HIS A 89 16.89 8.48 4.31
CA HIS A 89 17.43 9.26 5.42
C HIS A 89 17.39 10.76 5.13
N LYS A 90 17.67 11.18 3.89
CA LYS A 90 17.82 12.60 3.59
C LYS A 90 16.54 13.17 3.00
N LEU A 91 16.05 12.62 1.88
CA LEU A 91 14.89 13.17 1.18
C LEU A 91 13.57 12.77 1.84
N ARG A 92 13.53 11.60 2.50
CA ARG A 92 12.34 11.08 3.17
C ARG A 92 11.20 11.00 2.16
N VAL A 93 11.50 10.37 1.02
CA VAL A 93 10.49 10.27 -0.02
C VAL A 93 9.35 9.37 0.48
N ASP A 94 8.11 9.84 0.36
CA ASP A 94 6.96 9.02 0.70
C ASP A 94 6.92 7.82 -0.24
N PRO A 95 6.84 6.58 0.28
CA PRO A 95 6.83 5.37 -0.56
C PRO A 95 5.84 5.35 -1.70
N VAL A 96 4.70 6.07 -1.60
CA VAL A 96 3.75 6.05 -2.71
C VAL A 96 4.44 6.51 -4.00
N ASN A 97 5.37 7.45 -3.91
CA ASN A 97 6.05 7.96 -5.10
C ASN A 97 6.83 6.88 -5.86
N PHE A 98 7.31 5.86 -5.12
CA PHE A 98 8.01 4.75 -5.75
C PHE A 98 7.08 3.91 -6.60
N LYS A 99 5.82 3.75 -6.15
CA LYS A 99 4.81 3.08 -6.95
C LYS A 99 4.61 3.82 -8.26
N LEU A 100 4.52 5.17 -8.16
CA LEU A 100 4.24 5.97 -9.33
C LEU A 100 5.41 5.91 -10.33
N LEU A 101 6.65 6.04 -9.88
CA LEU A 101 7.78 5.95 -10.79
C LEU A 101 7.86 4.55 -11.38
N SER A 102 7.67 3.53 -10.53
CA SER A 102 7.75 2.15 -10.98
C SER A 102 6.74 1.90 -12.10
N HIS A 103 5.50 2.39 -11.90
CA HIS A 103 4.46 2.31 -12.91
C HIS A 103 4.91 2.96 -14.23
N CYS A 104 5.47 4.18 -14.13
CA CYS A 104 5.90 4.91 -15.31
C CYS A 104 7.06 4.21 -16.04
N LEU A 105 7.92 3.53 -15.29
CA LEU A 105 9.01 2.76 -15.89
C LEU A 105 8.43 1.57 -16.64
N LEU A 106 7.44 0.86 -16.08
CA LEU A 106 6.77 -0.26 -16.76
C LEU A 106 6.07 0.22 -18.02
N VAL A 107 5.39 1.39 -17.98
CA VAL A 107 4.74 1.94 -19.16
C VAL A 107 5.76 2.19 -20.26
N THR A 108 6.88 2.78 -19.87
CA THR A 108 7.97 3.13 -20.78
C THR A 108 8.48 1.84 -21.46
N LEU A 109 8.75 0.80 -20.66
CA LEU A 109 9.22 -0.47 -21.22
C LEU A 109 8.19 -1.09 -22.14
N ALA A 110 6.91 -1.07 -21.74
CA ALA A 110 5.87 -1.60 -22.61
C ALA A 110 5.81 -0.89 -23.97
N ALA A 111 5.97 0.43 -23.93
CA ALA A 111 5.90 1.26 -25.12
C ALA A 111 7.08 0.99 -26.06
N HIS A 112 8.22 0.52 -25.52
CA HIS A 112 9.45 0.40 -26.30
C HIS A 112 9.85 -1.03 -26.62
N LEU A 113 9.45 -2.01 -25.80
CA LEU A 113 9.93 -3.37 -25.95
C LEU A 113 8.75 -4.31 -26.07
N PRO A 114 7.91 -4.17 -27.12
CA PRO A 114 6.69 -4.96 -27.19
C PRO A 114 6.93 -6.47 -27.16
N ALA A 115 8.02 -6.95 -27.78
CA ALA A 115 8.27 -8.40 -27.78
C ALA A 115 8.75 -8.89 -26.43
N GLU A 116 9.49 -8.06 -25.69
CA GLU A 116 10.08 -8.51 -24.45
C GLU A 116 9.10 -8.33 -23.28
N PHE A 117 8.15 -7.41 -23.39
CA PHE A 117 7.28 -7.09 -22.25
C PHE A 117 6.12 -8.09 -22.16
N THR A 118 6.45 -9.34 -21.87
CA THR A 118 5.45 -10.37 -21.70
C THR A 118 4.82 -10.23 -20.32
N PRO A 119 3.69 -10.89 -20.07
CA PRO A 119 3.11 -10.88 -18.73
C PRO A 119 4.08 -11.33 -17.65
N ALA A 120 4.85 -12.41 -17.91
CA ALA A 120 5.80 -12.89 -16.93
C ALA A 120 6.90 -11.86 -16.63
N VAL A 121 7.44 -11.25 -17.69
CA VAL A 121 8.48 -10.24 -17.55
C VAL A 121 7.95 -9.01 -16.83
N HIS A 122 6.75 -8.56 -17.19
CA HIS A 122 6.06 -7.46 -16.49
C HIS A 122 5.94 -7.79 -14.99
N ALA A 123 5.52 -9.03 -14.68
CA ALA A 123 5.36 -9.43 -13.28
C ALA A 123 6.70 -9.39 -12.54
N SER A 124 7.75 -9.93 -13.16
CA SER A 124 9.06 -9.96 -12.52
C SER A 124 9.62 -8.55 -12.31
N LEU A 125 9.52 -7.68 -13.33
CA LEU A 125 9.96 -6.28 -13.22
C LEU A 125 9.19 -5.54 -12.13
N ASP A 126 7.89 -5.78 -11.98
CA ASP A 126 7.13 -5.13 -10.92
C ASP A 126 7.69 -5.55 -9.55
N LYS A 127 7.97 -6.85 -9.37
CA LYS A 127 8.51 -7.33 -8.12
C LYS A 127 9.90 -6.75 -7.85
N PHE A 128 10.74 -6.69 -8.89
CA PHE A 128 12.08 -6.17 -8.77
C PHE A 128 12.03 -4.69 -8.35
N LEU A 129 11.12 -3.95 -8.99
CA LEU A 129 11.01 -2.52 -8.68
C LEU A 129 10.49 -2.33 -7.26
N ALA A 130 9.56 -3.17 -6.83
CA ALA A 130 9.14 -3.18 -5.42
C ALA A 130 10.31 -3.44 -4.46
N SER A 131 11.17 -4.42 -4.78
CA SER A 131 12.31 -4.74 -3.93
C SER A 131 13.27 -3.54 -3.87
N VAL A 132 13.56 -2.92 -5.02
CA VAL A 132 14.43 -1.75 -5.06
C VAL A 132 13.81 -0.63 -4.20
N SER A 133 12.50 -0.41 -4.37
CA SER A 133 11.80 0.64 -3.67
C SER A 133 11.84 0.43 -2.16
N THR A 134 11.71 -0.84 -1.73
CA THR A 134 11.76 -1.18 -0.31
C THR A 134 13.12 -0.84 0.28
N VAL A 135 14.20 -1.13 -0.46
CA VAL A 135 15.53 -0.81 0.05
C VAL A 135 15.68 0.71 0.14
N LEU A 136 15.26 1.43 -0.91
CA LEU A 136 15.50 2.87 -0.97
C LEU A 136 14.65 3.63 0.07
N THR A 137 13.53 3.04 0.53
CA THR A 137 12.68 3.67 1.52
C THR A 137 12.96 3.18 2.93
N SER A 138 13.92 2.28 3.14
CA SER A 138 14.15 1.70 4.46
C SER A 138 15.36 2.37 5.08
N LYS A 139 15.36 2.56 6.38
CA LYS A 139 16.56 2.98 7.09
C LYS A 139 17.14 1.79 7.85
N TYR A 140 18.28 1.25 7.39
CA TYR A 140 18.78 -0.02 7.90
C TYR A 140 20.26 0.04 8.31
N ARG A 141 20.85 1.22 8.14
CA ARG A 141 22.21 1.47 8.60
C ARG A 141 22.23 2.77 9.40
N HIS B 2 -9.58 16.80 -13.87
CA HIS B 2 -10.55 16.61 -14.99
C HIS B 2 -9.78 16.60 -16.30
N LEU B 3 -10.39 16.01 -17.33
CA LEU B 3 -9.83 16.02 -18.66
C LEU B 3 -10.22 17.30 -19.36
N THR B 4 -9.21 17.98 -19.92
CA THR B 4 -9.45 19.13 -20.77
C THR B 4 -10.06 18.64 -22.08
N PRO B 5 -10.66 19.54 -22.89
CA PRO B 5 -11.14 19.13 -24.22
C PRO B 5 -10.09 18.44 -25.11
N GLU B 6 -8.86 18.95 -25.13
CA GLU B 6 -7.84 18.36 -25.99
C GLU B 6 -7.42 16.98 -25.47
N GLU B 7 -7.42 16.79 -24.15
CA GLU B 7 -7.13 15.48 -23.57
C GLU B 7 -8.22 14.50 -23.97
N LYS B 8 -9.49 14.94 -23.86
CA LYS B 8 -10.61 14.07 -24.12
C LYS B 8 -10.54 13.62 -25.57
N SER B 9 -10.17 14.55 -26.45
CA SER B 9 -10.03 14.26 -27.87
C SER B 9 -8.94 13.21 -28.14
N ALA B 10 -7.76 13.39 -27.57
CA ALA B 10 -6.65 12.45 -27.76
C ALA B 10 -7.01 11.07 -27.19
N VAL B 11 -7.76 11.04 -26.08
CA VAL B 11 -8.17 9.78 -25.46
C VAL B 11 -9.11 9.04 -26.42
N THR B 12 -10.11 9.73 -26.97
CA THR B 12 -11.17 9.08 -27.74
C THR B 12 -10.60 8.61 -29.09
N ALA B 13 -9.62 9.34 -29.62
CA ALA B 13 -8.97 8.98 -30.87
C ALA B 13 -8.21 7.66 -30.69
N LEU B 14 -7.50 7.52 -29.58
CA LEU B 14 -6.74 6.30 -29.39
C LEU B 14 -7.70 5.15 -29.09
N TRP B 15 -8.72 5.38 -28.27
CA TRP B 15 -9.66 4.35 -27.86
C TRP B 15 -10.37 3.74 -29.07
N GLY B 16 -10.69 4.59 -30.06
CA GLY B 16 -11.30 4.15 -31.31
C GLY B 16 -10.50 3.07 -32.04
N LYS B 17 -9.19 2.98 -31.78
CA LYS B 17 -8.33 2.02 -32.46
C LYS B 17 -8.08 0.78 -31.62
N VAL B 18 -8.70 0.69 -30.46
CA VAL B 18 -8.43 -0.40 -29.53
C VAL B 18 -9.09 -1.67 -30.06
N ASN B 19 -8.32 -2.77 -30.04
CA ASN B 19 -8.86 -4.09 -30.34
C ASN B 19 -9.71 -4.59 -29.17
N VAL B 20 -11.04 -4.61 -29.40
CA VAL B 20 -12.04 -4.82 -28.37
C VAL B 20 -12.12 -6.27 -27.89
N ASP B 21 -11.53 -7.19 -28.67
CA ASP B 21 -11.47 -8.60 -28.29
C ASP B 21 -10.19 -8.93 -27.54
N GLU B 22 -9.19 -8.04 -27.58
CA GLU B 22 -7.88 -8.41 -27.05
C GLU B 22 -7.56 -7.59 -25.80
N VAL B 23 -7.72 -6.26 -25.86
CA VAL B 23 -7.10 -5.39 -24.86
C VAL B 23 -7.63 -5.70 -23.45
N GLY B 24 -8.93 -5.94 -23.31
CA GLY B 24 -9.54 -6.20 -22.02
C GLY B 24 -9.00 -7.48 -21.37
N GLY B 25 -8.98 -8.55 -22.16
CA GLY B 25 -8.48 -9.82 -21.65
C GLY B 25 -6.99 -9.78 -21.34
N GLU B 26 -6.24 -8.95 -22.08
CA GLU B 26 -4.82 -8.80 -21.81
C GLU B 26 -4.63 -8.05 -20.51
N ALA B 27 -5.45 -7.02 -20.26
CA ALA B 27 -5.38 -6.29 -19.00
C ALA B 27 -5.75 -7.17 -17.81
N LEU B 28 -6.87 -7.91 -17.92
CA LEU B 28 -7.28 -8.77 -16.84
C LEU B 28 -6.24 -9.87 -16.62
N GLY B 29 -5.73 -10.45 -17.71
CA GLY B 29 -4.74 -11.49 -17.60
C GLY B 29 -3.47 -11.00 -16.91
N ARG B 30 -3.01 -9.81 -17.31
CA ARG B 30 -1.81 -9.28 -16.68
C ARG B 30 -2.09 -9.00 -15.22
N LEU B 31 -3.28 -8.50 -14.87
CA LEU B 31 -3.58 -8.30 -13.46
C LEU B 31 -3.34 -9.61 -12.69
N LEU B 32 -3.91 -10.72 -13.21
CA LEU B 32 -3.83 -12.00 -12.51
C LEU B 32 -2.40 -12.53 -12.43
N VAL B 33 -1.58 -12.24 -13.44
CA VAL B 33 -0.19 -12.71 -13.45
C VAL B 33 0.69 -11.85 -12.53
N VAL B 34 0.56 -10.53 -12.65
CA VAL B 34 1.44 -9.59 -11.97
C VAL B 34 1.06 -9.48 -10.50
N TYR B 35 -0.25 -9.54 -10.22
CA TYR B 35 -0.75 -9.41 -8.86
C TYR B 35 -1.54 -10.67 -8.49
N PRO B 36 -0.84 -11.78 -8.22
CA PRO B 36 -1.47 -13.10 -8.23
C PRO B 36 -2.58 -13.32 -7.21
N TRP B 37 -2.54 -12.57 -6.09
CA TRP B 37 -3.64 -12.66 -5.14
C TRP B 37 -4.99 -12.37 -5.76
N THR B 38 -5.01 -11.62 -6.89
CA THR B 38 -6.28 -11.31 -7.53
C THR B 38 -6.94 -12.56 -8.11
N GLN B 39 -6.15 -13.62 -8.35
CA GLN B 39 -6.70 -14.89 -8.81
C GLN B 39 -7.70 -15.50 -7.84
N ARG B 40 -7.62 -15.19 -6.54
CA ARG B 40 -8.60 -15.67 -5.59
C ARG B 40 -10.02 -15.27 -5.97
N PHE B 41 -10.21 -14.12 -6.63
CA PHE B 41 -11.54 -13.72 -7.04
C PHE B 41 -12.06 -14.46 -8.28
N PHE B 42 -11.16 -15.16 -9.00
CA PHE B 42 -11.44 -15.66 -10.34
C PHE B 42 -11.18 -17.17 -10.44
N GLU B 43 -11.12 -17.84 -9.31
CA GLU B 43 -10.81 -19.26 -9.24
C GLU B 43 -11.76 -20.10 -10.12
N SER B 44 -13.02 -19.68 -10.18
CA SER B 44 -14.06 -20.33 -10.97
C SER B 44 -13.80 -20.31 -12.49
N PHE B 45 -12.80 -19.55 -12.91
CA PHE B 45 -12.48 -19.40 -14.33
C PHE B 45 -11.63 -20.59 -14.79
N GLY B 46 -11.22 -21.45 -13.86
CA GLY B 46 -10.48 -22.64 -14.23
C GLY B 46 -8.98 -22.47 -14.06
N ASP B 47 -8.22 -22.96 -15.04
CA ASP B 47 -6.78 -23.07 -14.87
C ASP B 47 -6.13 -21.67 -14.99
N LEU B 48 -5.59 -21.19 -13.87
CA LEU B 48 -4.82 -19.95 -13.83
C LEU B 48 -3.41 -20.19 -13.28
N SER B 49 -2.87 -21.39 -13.50
CA SER B 49 -1.74 -21.91 -12.73
C SER B 49 -0.41 -21.36 -13.21
N THR B 50 -0.35 -20.81 -14.42
CA THR B 50 0.87 -20.24 -14.97
C THR B 50 0.53 -19.00 -15.78
N PRO B 51 1.51 -18.11 -16.07
CA PRO B 51 1.24 -16.97 -16.95
C PRO B 51 0.57 -17.37 -18.26
N ASP B 52 1.11 -18.36 -18.96
CA ASP B 52 0.51 -18.79 -20.21
C ASP B 52 -0.92 -19.33 -19.99
N ALA B 53 -1.18 -20.06 -18.90
CA ALA B 53 -2.52 -20.56 -18.68
C ALA B 53 -3.51 -19.41 -18.52
N VAL B 54 -3.09 -18.38 -17.74
CA VAL B 54 -3.95 -17.22 -17.55
C VAL B 54 -4.26 -16.56 -18.87
N MET B 55 -3.22 -16.33 -19.66
CA MET B 55 -3.34 -15.55 -20.87
C MET B 55 -4.05 -16.36 -21.96
N GLY B 56 -4.09 -17.69 -21.85
CA GLY B 56 -4.81 -18.52 -22.82
C GLY B 56 -6.20 -18.94 -22.35
N ASN B 57 -6.62 -18.46 -21.18
CA ASN B 57 -7.89 -18.85 -20.57
C ASN B 57 -9.03 -18.08 -21.23
N PRO B 58 -9.99 -18.78 -21.90
CA PRO B 58 -11.06 -18.11 -22.64
C PRO B 58 -12.05 -17.34 -21.75
N LYS B 59 -12.18 -17.74 -20.49
CA LYS B 59 -13.04 -17.02 -19.56
C LYS B 59 -12.39 -15.70 -19.16
N VAL B 60 -11.06 -15.71 -19.04
CA VAL B 60 -10.34 -14.45 -18.80
C VAL B 60 -10.58 -13.52 -20.01
N LYS B 61 -10.46 -14.06 -21.23
CA LYS B 61 -10.64 -13.27 -22.43
C LYS B 61 -12.04 -12.68 -22.50
N ALA B 62 -13.06 -13.51 -22.20
CA ALA B 62 -14.44 -13.06 -22.29
C ALA B 62 -14.75 -12.05 -21.19
N HIS B 63 -14.28 -12.33 -19.96
CA HIS B 63 -14.52 -11.39 -18.88
C HIS B 63 -13.82 -10.07 -19.20
N GLY B 64 -12.60 -10.12 -19.72
CA GLY B 64 -11.84 -8.94 -20.03
C GLY B 64 -12.59 -8.04 -21.02
N LYS B 65 -13.38 -8.67 -21.91
CA LYS B 65 -14.13 -7.91 -22.88
C LYS B 65 -15.22 -7.09 -22.18
N LYS B 66 -15.83 -7.67 -21.13
CA LYS B 66 -16.82 -6.94 -20.34
C LYS B 66 -16.16 -5.79 -19.59
N VAL B 67 -14.98 -6.02 -19.03
CA VAL B 67 -14.27 -4.97 -18.30
C VAL B 67 -13.97 -3.81 -19.25
N LEU B 68 -13.47 -4.13 -20.45
CA LEU B 68 -13.17 -3.14 -21.45
C LEU B 68 -14.43 -2.34 -21.78
N GLY B 69 -15.56 -3.03 -21.92
CA GLY B 69 -16.83 -2.38 -22.16
C GLY B 69 -17.23 -1.38 -21.06
N ALA B 70 -16.91 -1.70 -19.80
CA ALA B 70 -17.19 -0.81 -18.70
C ALA B 70 -16.30 0.44 -18.77
N PHE B 71 -15.03 0.27 -19.15
CA PHE B 71 -14.15 1.39 -19.42
C PHE B 71 -14.68 2.25 -20.56
N SER B 72 -15.16 1.64 -21.66
CA SER B 72 -15.78 2.41 -22.75
C SER B 72 -16.96 3.24 -22.23
N ASP B 73 -17.76 2.65 -21.35
CA ASP B 73 -18.93 3.31 -20.79
C ASP B 73 -18.48 4.50 -19.92
N GLY B 74 -17.41 4.31 -19.15
CA GLY B 74 -16.82 5.40 -18.38
C GLY B 74 -16.38 6.57 -19.26
N LEU B 75 -15.69 6.25 -20.36
CA LEU B 75 -15.21 7.24 -21.30
C LEU B 75 -16.34 8.05 -21.91
N ALA B 76 -17.53 7.45 -22.04
CA ALA B 76 -18.68 8.16 -22.58
C ALA B 76 -19.41 8.95 -21.48
N HIS B 77 -18.96 8.88 -20.22
CA HIS B 77 -19.67 9.50 -19.11
C HIS B 77 -18.69 10.06 -18.05
N LEU B 78 -17.66 10.79 -18.51
CA LEU B 78 -16.57 11.25 -17.65
C LEU B 78 -17.05 12.24 -16.60
N ASP B 79 -18.22 12.88 -16.81
CA ASP B 79 -18.75 13.82 -15.85
C ASP B 79 -19.67 13.13 -14.86
N ASN B 80 -19.96 11.84 -15.07
CA ASN B 80 -20.85 11.16 -14.14
C ASN B 80 -20.37 9.74 -13.89
N LEU B 81 -19.09 9.56 -13.55
CA LEU B 81 -18.56 8.20 -13.37
C LEU B 81 -19.23 7.52 -12.17
N LYS B 82 -19.52 8.25 -11.10
CA LYS B 82 -20.09 7.62 -9.91
C LYS B 82 -21.46 7.00 -10.21
N GLY B 83 -22.32 7.73 -10.92
CA GLY B 83 -23.60 7.20 -11.38
C GLY B 83 -23.48 6.05 -12.39
N THR B 84 -22.53 6.15 -13.32
CA THR B 84 -22.34 5.12 -14.33
C THR B 84 -21.95 3.80 -13.67
N PHE B 85 -21.12 3.86 -12.62
CA PHE B 85 -20.56 2.66 -11.99
C PHE B 85 -21.28 2.27 -10.68
N ALA B 86 -22.47 2.84 -10.40
CA ALA B 86 -23.05 2.64 -9.08
C ALA B 86 -23.32 1.15 -8.79
N THR B 87 -23.88 0.41 -9.75
CA THR B 87 -24.23 -1.00 -9.48
C THR B 87 -23.00 -1.93 -9.46
N LEU B 88 -22.04 -1.54 -10.34
CA LEU B 88 -20.76 -2.22 -10.36
C LEU B 88 -20.06 -1.99 -9.04
N SER B 89 -20.14 -0.76 -8.49
CA SER B 89 -19.54 -0.49 -7.19
C SER B 89 -20.14 -1.37 -6.09
N GLU B 90 -21.48 -1.52 -6.11
CA GLU B 90 -22.11 -2.39 -5.12
C GLU B 90 -21.60 -3.82 -5.25
N LEU B 91 -21.47 -4.32 -6.49
CA LEU B 91 -20.95 -5.66 -6.69
C LEU B 91 -19.54 -5.80 -6.09
N HIS B 92 -18.66 -4.88 -6.46
CA HIS B 92 -17.24 -5.02 -6.15
C HIS B 92 -16.96 -4.73 -4.69
N CYS B 93 -17.73 -3.85 -4.04
CA CYS B 93 -17.46 -3.43 -2.67
C CYS B 93 -18.34 -4.23 -1.70
N ASP B 94 -19.66 -4.20 -1.91
CA ASP B 94 -20.59 -4.84 -1.00
C ASP B 94 -20.60 -6.36 -1.10
N LYS B 95 -20.41 -6.93 -2.30
CA LYS B 95 -20.52 -8.37 -2.49
C LYS B 95 -19.15 -8.99 -2.53
N LEU B 96 -18.24 -8.45 -3.36
CA LEU B 96 -16.95 -9.11 -3.53
C LEU B 96 -15.92 -8.66 -2.47
N HIS B 97 -16.09 -7.46 -1.88
CA HIS B 97 -15.17 -6.91 -0.90
C HIS B 97 -13.74 -6.85 -1.48
N VAL B 98 -13.63 -6.42 -2.74
CA VAL B 98 -12.34 -6.19 -3.37
C VAL B 98 -11.68 -4.99 -2.72
N ASP B 99 -10.43 -5.15 -2.26
CA ASP B 99 -9.72 -4.00 -1.75
C ASP B 99 -9.54 -2.95 -2.85
N PRO B 100 -9.87 -1.66 -2.62
CA PRO B 100 -9.88 -0.67 -3.69
C PRO B 100 -8.53 -0.38 -4.36
N GLU B 101 -7.40 -0.61 -3.66
CA GLU B 101 -6.10 -0.62 -4.29
C GLU B 101 -6.09 -1.48 -5.56
N ASN B 102 -6.79 -2.63 -5.53
CA ASN B 102 -6.82 -3.52 -6.69
C ASN B 102 -7.52 -2.87 -7.89
N PHE B 103 -8.48 -1.95 -7.67
CA PHE B 103 -9.08 -1.23 -8.79
C PHE B 103 -8.02 -0.36 -9.45
N ARG B 104 -7.18 0.30 -8.64
CA ARG B 104 -6.11 1.14 -9.17
C ARG B 104 -5.08 0.28 -9.91
N LEU B 105 -4.78 -0.89 -9.37
CA LEU B 105 -3.84 -1.77 -10.05
C LEU B 105 -4.35 -2.17 -11.44
N LEU B 106 -5.64 -2.52 -11.57
CA LEU B 106 -6.18 -2.91 -12.87
C LEU B 106 -6.15 -1.71 -13.81
N GLY B 107 -6.49 -0.52 -13.32
CA GLY B 107 -6.41 0.66 -14.19
C GLY B 107 -4.98 0.87 -14.73
N ASN B 108 -3.99 0.71 -13.85
CA ASN B 108 -2.60 0.92 -14.26
C ASN B 108 -2.15 -0.21 -15.21
N VAL B 109 -2.65 -1.44 -15.00
CA VAL B 109 -2.33 -2.49 -15.95
C VAL B 109 -2.94 -2.19 -17.31
N LEU B 110 -4.18 -1.69 -17.33
CA LEU B 110 -4.77 -1.29 -18.60
C LEU B 110 -3.87 -0.28 -19.29
N VAL B 111 -3.35 0.73 -18.56
CA VAL B 111 -2.46 1.73 -19.15
C VAL B 111 -1.20 1.09 -19.72
N CYS B 112 -0.64 0.10 -19.00
CA CYS B 112 0.47 -0.67 -19.56
C CYS B 112 0.10 -1.40 -20.86
N VAL B 113 -1.13 -1.95 -20.94
CA VAL B 113 -1.54 -2.68 -22.16
C VAL B 113 -1.71 -1.70 -23.32
N LEU B 114 -2.26 -0.51 -23.05
CA LEU B 114 -2.38 0.52 -24.09
C LEU B 114 -0.99 0.91 -24.62
N ALA B 115 -0.03 1.13 -23.73
CA ALA B 115 1.33 1.46 -24.13
C ALA B 115 1.90 0.34 -24.98
N HIS B 116 1.66 -0.89 -24.56
CA HIS B 116 2.12 -2.07 -25.28
C HIS B 116 1.61 -2.08 -26.72
N HIS B 117 0.32 -1.77 -26.91
CA HIS B 117 -0.31 -1.82 -28.23
C HIS B 117 0.07 -0.61 -29.08
N PHE B 118 0.18 0.58 -28.47
CA PHE B 118 0.28 1.83 -29.19
C PHE B 118 1.72 2.33 -29.30
N GLY B 119 2.66 1.74 -28.53
CA GLY B 119 4.05 2.16 -28.60
C GLY B 119 4.26 3.66 -28.45
N LYS B 120 5.00 4.25 -29.39
CA LYS B 120 5.37 5.66 -29.32
C LYS B 120 4.15 6.58 -29.38
N GLU B 121 3.03 6.09 -29.91
N GLU B 121 3.02 6.11 -29.92
CA GLU B 121 1.79 6.86 -30.00
CA GLU B 121 1.80 6.89 -29.98
C GLU B 121 1.16 7.05 -28.61
C GLU B 121 1.24 7.11 -28.58
N PHE B 122 1.57 6.24 -27.63
CA PHE B 122 1.13 6.41 -26.24
C PHE B 122 2.07 7.36 -25.52
N THR B 123 1.98 8.64 -25.91
CA THR B 123 2.93 9.64 -25.50
C THR B 123 2.74 9.95 -24.02
N PRO B 124 3.71 10.61 -23.37
CA PRO B 124 3.51 11.01 -21.97
C PRO B 124 2.25 11.84 -21.74
N PRO B 125 1.89 12.84 -22.59
CA PRO B 125 0.62 13.55 -22.40
C PRO B 125 -0.59 12.63 -22.56
N VAL B 126 -0.52 11.66 -23.47
CA VAL B 126 -1.66 10.79 -23.69
C VAL B 126 -1.81 9.91 -22.45
N GLN B 127 -0.68 9.42 -21.94
CA GLN B 127 -0.71 8.65 -20.70
C GLN B 127 -1.33 9.47 -19.58
N ALA B 128 -0.94 10.75 -19.45
CA ALA B 128 -1.44 11.54 -18.33
C ALA B 128 -2.96 11.63 -18.40
N ALA B 129 -3.50 11.77 -19.62
CA ALA B 129 -4.95 11.84 -19.80
C ALA B 129 -5.62 10.52 -19.37
N TYR B 130 -5.06 9.41 -19.84
CA TYR B 130 -5.56 8.09 -19.47
C TYR B 130 -5.45 7.81 -17.97
N GLN B 131 -4.44 8.38 -17.30
CA GLN B 131 -4.33 8.19 -15.85
C GLN B 131 -5.50 8.88 -15.15
N LYS B 132 -5.96 10.03 -15.66
CA LYS B 132 -7.11 10.66 -15.04
C LYS B 132 -8.34 9.75 -15.20
N VAL B 133 -8.48 9.18 -16.39
CA VAL B 133 -9.59 8.30 -16.69
C VAL B 133 -9.62 7.11 -15.72
N VAL B 134 -8.49 6.38 -15.63
CA VAL B 134 -8.48 5.16 -14.84
C VAL B 134 -8.57 5.46 -13.35
N ALA B 135 -8.03 6.61 -12.91
CA ALA B 135 -8.22 7.05 -11.54
C ALA B 135 -9.72 7.31 -11.29
N GLY B 136 -10.41 7.95 -12.25
CA GLY B 136 -11.82 8.25 -12.07
C GLY B 136 -12.68 6.98 -11.97
N VAL B 137 -12.37 6.03 -12.84
CA VAL B 137 -13.06 4.75 -12.88
C VAL B 137 -12.78 4.00 -11.58
N ALA B 138 -11.51 3.88 -11.17
CA ALA B 138 -11.21 3.21 -9.90
C ALA B 138 -11.94 3.86 -8.72
N ASN B 139 -11.99 5.20 -8.70
CA ASN B 139 -12.63 5.89 -7.62
C ASN B 139 -14.14 5.62 -7.61
N ALA B 140 -14.73 5.55 -8.81
CA ALA B 140 -16.16 5.34 -8.96
C ALA B 140 -16.54 3.91 -8.52
N LEU B 141 -15.68 2.96 -8.87
CA LEU B 141 -15.86 1.58 -8.41
C LEU B 141 -15.81 1.51 -6.89
N ALA B 142 -15.01 2.37 -6.25
CA ALA B 142 -14.79 2.30 -4.81
C ALA B 142 -15.81 3.15 -4.07
N HIS B 143 -16.74 3.76 -4.80
CA HIS B 143 -17.66 4.73 -4.24
C HIS B 143 -18.43 4.15 -3.06
N LYS B 144 -18.82 2.86 -3.12
CA LYS B 144 -19.61 2.28 -2.06
C LYS B 144 -18.79 2.06 -0.78
N TYR B 145 -17.47 2.21 -0.80
CA TYR B 145 -16.67 2.21 0.42
C TYR B 145 -16.56 3.60 1.04
N HIS B 146 -16.93 4.65 0.30
CA HIS B 146 -16.68 6.05 0.68
C HIS B 146 -17.85 6.64 1.49
N VAL C 1 13.55 -3.26 5.40
CA VAL C 1 14.91 -3.74 5.80
C VAL C 1 15.18 -3.23 7.20
N LEU C 2 15.73 -4.12 8.06
CA LEU C 2 15.93 -3.85 9.47
C LEU C 2 17.37 -3.37 9.74
N SER C 3 17.47 -2.38 10.61
CA SER C 3 18.76 -1.94 11.13
C SER C 3 19.20 -2.85 12.27
N PRO C 4 20.49 -2.76 12.69
CA PRO C 4 20.92 -3.47 13.90
C PRO C 4 20.06 -3.13 15.11
N ALA C 5 19.71 -1.85 15.27
CA ALA C 5 18.89 -1.42 16.38
C ALA C 5 17.50 -2.07 16.31
N ASP C 6 16.95 -2.14 15.11
CA ASP C 6 15.64 -2.76 14.96
C ASP C 6 15.72 -4.20 15.45
N LYS C 7 16.79 -4.92 15.07
CA LYS C 7 16.86 -6.34 15.40
C LYS C 7 16.96 -6.51 16.90
N THR C 8 17.77 -5.66 17.55
CA THR C 8 17.89 -5.64 19.00
C THR C 8 16.53 -5.40 19.65
N ASN C 9 15.83 -4.36 19.19
CA ASN C 9 14.53 -4.01 19.72
C ASN C 9 13.52 -5.15 19.56
N VAL C 10 13.49 -5.81 18.41
CA VAL C 10 12.53 -6.87 18.16
C VAL C 10 12.80 -8.06 19.08
N LYS C 11 14.08 -8.42 19.20
CA LYS C 11 14.47 -9.54 20.05
C LYS C 11 14.13 -9.21 21.50
N ALA C 12 14.39 -7.97 21.95
CA ALA C 12 14.07 -7.57 23.32
C ALA C 12 12.56 -7.58 23.57
N ALA C 13 11.79 -7.01 22.64
CA ALA C 13 10.34 -6.94 22.82
C ALA C 13 9.70 -8.33 22.78
N TRP C 14 10.12 -9.16 21.83
CA TRP C 14 9.54 -10.49 21.71
C TRP C 14 9.95 -11.34 22.92
N GLY C 15 11.15 -11.08 23.46
CA GLY C 15 11.57 -11.66 24.73
C GLY C 15 10.64 -11.29 25.89
N LYS C 16 10.14 -10.05 25.92
CA LYS C 16 9.20 -9.57 26.92
C LYS C 16 7.85 -10.25 26.74
N VAL C 17 7.48 -10.52 25.48
CA VAL C 17 6.29 -11.29 25.22
C VAL C 17 6.47 -12.69 25.80
N GLY C 18 7.59 -13.32 25.46
CA GLY C 18 7.94 -14.61 26.05
C GLY C 18 6.83 -15.65 25.87
N ALA C 19 6.46 -16.28 27.00
CA ALA C 19 5.56 -17.42 27.00
C ALA C 19 4.13 -17.01 26.64
N HIS C 20 3.85 -15.71 26.61
CA HIS C 20 2.52 -15.25 26.21
C HIS C 20 2.34 -15.13 24.69
N ALA C 21 3.32 -15.55 23.89
CA ALA C 21 3.31 -15.31 22.45
C ALA C 21 2.04 -15.90 21.82
N GLY C 22 1.72 -17.13 22.20
CA GLY C 22 0.54 -17.79 21.65
C GLY C 22 -0.75 -17.06 21.96
N GLU C 23 -0.90 -16.66 23.24
CA GLU C 23 -2.05 -15.88 23.70
C GLU C 23 -2.18 -14.59 22.88
N TYR C 24 -1.04 -13.93 22.63
CA TYR C 24 -1.07 -12.65 21.92
C TYR C 24 -1.41 -12.84 20.44
N GLY C 25 -0.87 -13.90 19.82
CA GLY C 25 -1.26 -14.29 18.47
C GLY C 25 -2.78 -14.49 18.37
N ALA C 26 -3.35 -15.22 19.32
CA ALA C 26 -4.78 -15.47 19.34
C ALA C 26 -5.61 -14.20 19.51
N GLU C 27 -5.21 -13.32 20.44
CA GLU C 27 -5.89 -12.06 20.67
C GLU C 27 -5.81 -11.18 19.41
N ALA C 28 -4.64 -11.13 18.79
CA ALA C 28 -4.50 -10.36 17.56
C ALA C 28 -5.47 -10.85 16.48
N LEU C 29 -5.63 -12.17 16.35
CA LEU C 29 -6.58 -12.73 15.38
C LEU C 29 -8.00 -12.33 15.73
N GLU C 30 -8.35 -12.42 17.02
CA GLU C 30 -9.67 -12.05 17.46
C GLU C 30 -9.93 -10.58 17.12
N ARG C 31 -8.96 -9.71 17.42
CA ARG C 31 -9.08 -8.29 17.15
C ARG C 31 -9.30 -8.09 15.64
N MET C 32 -8.57 -8.83 14.83
CA MET C 32 -8.68 -8.68 13.40
C MET C 32 -10.08 -9.09 12.89
N PHE C 33 -10.56 -10.25 13.37
CA PHE C 33 -11.86 -10.73 12.92
C PHE C 33 -12.97 -9.76 13.33
N LEU C 34 -12.93 -9.18 14.54
CA LEU C 34 -13.94 -8.23 14.98
C LEU C 34 -13.84 -6.90 14.24
N SER C 35 -12.61 -6.38 14.04
CA SER C 35 -12.44 -5.06 13.47
C SER C 35 -12.68 -5.06 11.95
N PHE C 36 -12.24 -6.13 11.29
CA PHE C 36 -12.16 -6.25 9.85
C PHE C 36 -12.85 -7.54 9.45
N PRO C 37 -14.18 -7.60 9.55
CA PRO C 37 -14.89 -8.89 9.43
C PRO C 37 -14.66 -9.65 8.11
N THR C 38 -14.29 -8.97 7.02
CA THR C 38 -13.99 -9.65 5.76
C THR C 38 -12.82 -10.63 5.89
N THR C 39 -11.91 -10.42 6.86
CA THR C 39 -10.81 -11.36 7.05
C THR C 39 -11.31 -12.73 7.49
N LYS C 40 -12.53 -12.80 8.08
CA LYS C 40 -13.11 -14.06 8.52
C LYS C 40 -13.37 -14.99 7.35
N THR C 41 -13.42 -14.44 6.14
CA THR C 41 -13.65 -15.24 4.94
C THR C 41 -12.47 -16.20 4.69
N TYR C 42 -11.33 -15.97 5.34
CA TYR C 42 -10.22 -16.89 5.20
C TYR C 42 -10.33 -18.08 6.16
N PHE C 43 -11.19 -17.97 7.19
CA PHE C 43 -11.32 -18.96 8.27
C PHE C 43 -12.80 -19.33 8.49
N PRO C 44 -13.52 -19.72 7.42
CA PRO C 44 -14.97 -19.93 7.54
C PRO C 44 -15.32 -21.17 8.36
N HIS C 45 -14.52 -22.24 8.27
N HIS C 45 -14.47 -22.22 8.30
CA HIS C 45 -14.70 -23.43 9.10
CA HIS C 45 -14.60 -23.47 9.03
C HIS C 45 -14.68 -23.03 10.56
C HIS C 45 -14.10 -23.34 10.46
N PHE C 46 -13.76 -22.11 10.90
CA PHE C 46 -13.41 -21.88 12.30
C PHE C 46 -14.59 -21.37 13.09
N ASP C 47 -14.63 -21.83 14.34
CA ASP C 47 -15.37 -21.18 15.40
C ASP C 47 -14.57 -19.93 15.74
N LEU C 48 -15.13 -18.76 15.42
CA LEU C 48 -14.43 -17.51 15.64
C LEU C 48 -15.02 -16.77 16.85
N SER C 49 -15.68 -17.50 17.78
CA SER C 49 -16.25 -16.84 18.94
C SER C 49 -15.16 -16.53 19.97
N HIS C 50 -15.47 -15.62 20.90
CA HIS C 50 -14.53 -15.24 21.95
C HIS C 50 -14.26 -16.46 22.83
N GLY C 51 -12.98 -16.78 23.06
CA GLY C 51 -12.59 -17.97 23.82
C GLY C 51 -12.41 -19.23 22.98
N SER C 52 -12.48 -19.11 21.65
CA SER C 52 -12.45 -20.24 20.72
C SER C 52 -11.12 -21.01 20.81
N ALA C 53 -11.23 -22.34 20.94
CA ALA C 53 -10.07 -23.22 20.92
C ALA C 53 -9.34 -23.17 19.57
N GLN C 54 -10.09 -23.06 18.49
CA GLN C 54 -9.51 -23.01 17.16
C GLN C 54 -8.68 -21.73 17.00
N VAL C 55 -9.19 -20.61 17.55
CA VAL C 55 -8.45 -19.35 17.44
C VAL C 55 -7.19 -19.40 18.33
N LYS C 56 -7.35 -19.95 19.53
N LYS C 56 -7.27 -19.95 19.55
CA LYS C 56 -6.24 -20.20 20.45
CA LYS C 56 -6.05 -20.08 20.37
C LYS C 56 -5.13 -20.99 19.75
C LYS C 56 -5.04 -20.97 19.65
N GLY C 57 -5.53 -22.06 19.04
CA GLY C 57 -4.59 -22.98 18.41
C GLY C 57 -3.84 -22.32 17.24
N HIS C 58 -4.63 -21.58 16.45
CA HIS C 58 -4.08 -20.90 15.29
C HIS C 58 -3.12 -19.81 15.74
N GLY C 59 -3.53 -19.09 16.79
CA GLY C 59 -2.73 -18.03 17.39
C GLY C 59 -1.37 -18.51 17.83
N LYS C 60 -1.32 -19.72 18.41
CA LYS C 60 -0.05 -20.32 18.78
C LYS C 60 0.80 -20.61 17.54
N LYS C 61 0.20 -21.11 16.44
CA LYS C 61 0.98 -21.40 15.25
C LYS C 61 1.55 -20.10 14.67
N VAL C 62 0.72 -19.03 14.65
CA VAL C 62 1.19 -17.74 14.14
C VAL C 62 2.36 -17.23 14.99
N ALA C 63 2.18 -17.25 16.31
CA ALA C 63 3.21 -16.84 17.27
C ALA C 63 4.50 -17.61 17.09
N ASP C 64 4.43 -18.94 16.90
CA ASP C 64 5.62 -19.74 16.74
C ASP C 64 6.36 -19.40 15.44
N ALA C 65 5.62 -19.10 14.35
CA ALA C 65 6.22 -18.61 13.13
C ALA C 65 6.96 -17.29 13.39
N LEU C 66 6.36 -16.36 14.16
CA LEU C 66 7.02 -15.11 14.45
C LEU C 66 8.27 -15.34 15.30
N THR C 67 8.20 -16.23 16.29
CA THR C 67 9.39 -16.57 17.08
C THR C 67 10.52 -17.07 16.18
N ASN C 68 10.16 -17.95 15.25
CA ASN C 68 11.07 -18.52 14.28
C ASN C 68 11.66 -17.39 13.43
N ALA C 69 10.83 -16.46 12.98
CA ALA C 69 11.31 -15.35 12.16
C ALA C 69 12.30 -14.49 12.97
N VAL C 70 12.01 -14.26 14.23
CA VAL C 70 12.92 -13.50 15.08
C VAL C 70 14.26 -14.22 15.21
N ALA C 71 14.24 -15.54 15.42
CA ALA C 71 15.47 -16.32 15.57
C ALA C 71 16.25 -16.39 14.26
N HIS C 72 15.56 -16.25 13.13
CA HIS C 72 16.21 -16.35 11.82
C HIS C 72 16.00 -15.05 11.04
N VAL C 73 16.14 -13.89 11.71
CA VAL C 73 15.83 -12.60 11.13
C VAL C 73 16.72 -12.35 9.90
N ASP C 74 17.93 -12.90 9.87
CA ASP C 74 18.81 -12.72 8.73
C ASP C 74 18.70 -13.87 7.73
N ASP C 75 17.69 -14.71 7.88
CA ASP C 75 17.51 -15.87 7.01
C ASP C 75 16.01 -16.12 6.86
N MET C 76 15.21 -15.06 6.66
CA MET C 76 13.75 -15.21 6.72
C MET C 76 13.21 -15.93 5.51
N PRO C 77 13.63 -15.64 4.26
CA PRO C 77 13.10 -16.38 3.11
C PRO C 77 13.21 -17.90 3.30
N ASN C 78 14.35 -18.34 3.83
CA ASN C 78 14.59 -19.76 4.06
C ASN C 78 13.72 -20.26 5.20
N ALA C 79 13.76 -19.59 6.35
CA ALA C 79 13.01 -20.01 7.53
C ALA C 79 11.51 -20.09 7.26
N LEU C 80 10.95 -19.19 6.43
CA LEU C 80 9.49 -19.10 6.26
C LEU C 80 9.05 -19.64 4.91
N SER C 81 9.92 -20.42 4.24
CA SER C 81 9.66 -20.87 2.86
C SER C 81 8.34 -21.63 2.72
N ALA C 82 7.98 -22.45 3.72
CA ALA C 82 6.76 -23.24 3.59
C ALA C 82 5.54 -22.36 3.85
N LEU C 83 5.66 -21.35 4.72
CA LEU C 83 4.60 -20.40 4.99
C LEU C 83 4.38 -19.47 3.80
N SER C 84 5.45 -19.08 3.13
CA SER C 84 5.31 -18.28 1.92
C SER C 84 4.56 -19.09 0.86
N ASP C 85 4.97 -20.35 0.66
CA ASP C 85 4.26 -21.19 -0.30
C ASP C 85 2.76 -21.23 0.04
N LEU C 86 2.43 -21.43 1.31
CA LEU C 86 1.04 -21.52 1.74
C LEU C 86 0.27 -20.21 1.47
N HIS C 87 0.81 -19.08 1.91
CA HIS C 87 0.04 -17.84 1.89
C HIS C 87 0.01 -17.20 0.51
N ALA C 88 1.16 -17.24 -0.19
CA ALA C 88 1.33 -16.54 -1.46
C ALA C 88 0.91 -17.43 -2.61
N HIS C 89 1.25 -18.72 -2.54
CA HIS C 89 1.01 -19.57 -3.71
C HIS C 89 -0.32 -20.30 -3.60
N LYS C 90 -0.60 -20.92 -2.44
CA LYS C 90 -1.80 -21.75 -2.29
C LYS C 90 -3.03 -20.92 -1.94
N LEU C 91 -2.95 -20.07 -0.91
CA LEU C 91 -4.12 -19.38 -0.42
C LEU C 91 -4.40 -18.06 -1.19
N ARG C 92 -3.35 -17.50 -1.79
CA ARG C 92 -3.47 -16.23 -2.50
C ARG C 92 -4.04 -15.14 -1.57
N VAL C 93 -3.52 -15.01 -0.34
CA VAL C 93 -4.03 -13.99 0.55
C VAL C 93 -3.73 -12.59 -0.02
N ASP C 94 -4.76 -11.73 -0.09
CA ASP C 94 -4.57 -10.34 -0.49
C ASP C 94 -3.63 -9.68 0.53
N PRO C 95 -2.52 -9.05 0.09
CA PRO C 95 -1.56 -8.43 1.01
C PRO C 95 -2.18 -7.45 2.00
N VAL C 96 -3.35 -6.86 1.68
CA VAL C 96 -3.96 -5.90 2.58
C VAL C 96 -4.24 -6.56 3.93
N ASN C 97 -4.54 -7.88 3.90
CA ASN C 97 -4.84 -8.63 5.11
C ASN C 97 -3.66 -8.72 6.04
N PHE C 98 -2.44 -8.69 5.48
CA PHE C 98 -1.25 -8.69 6.32
C PHE C 98 -1.09 -7.38 7.06
N LYS C 99 -1.44 -6.27 6.41
CA LYS C 99 -1.46 -5.00 7.10
C LYS C 99 -2.45 -5.02 8.26
N LEU C 100 -3.61 -5.64 8.05
CA LEU C 100 -4.64 -5.72 9.09
C LEU C 100 -4.15 -6.55 10.28
N LEU C 101 -3.65 -7.75 10.04
CA LEU C 101 -3.15 -8.61 11.12
C LEU C 101 -1.95 -7.94 11.82
N SER C 102 -1.03 -7.35 11.03
CA SER C 102 0.14 -6.70 11.63
C SER C 102 -0.28 -5.59 12.60
N HIS C 103 -1.25 -4.76 12.17
CA HIS C 103 -1.81 -3.73 13.01
C HIS C 103 -2.37 -4.34 14.31
N CYS C 104 -3.15 -5.42 14.17
CA CYS C 104 -3.80 -5.99 15.34
C CYS C 104 -2.77 -6.62 16.30
N LEU C 105 -1.68 -7.18 15.76
CA LEU C 105 -0.58 -7.67 16.59
C LEU C 105 0.06 -6.48 17.33
N LEU C 106 0.25 -5.31 16.67
CA LEU C 106 0.81 -4.15 17.36
C LEU C 106 -0.13 -3.67 18.47
N VAL C 107 -1.45 -3.63 18.19
CA VAL C 107 -2.42 -3.18 19.17
C VAL C 107 -2.34 -4.11 20.39
N THR C 108 -2.23 -5.41 20.11
CA THR C 108 -2.20 -6.43 21.16
C THR C 108 -0.94 -6.23 22.02
N LEU C 109 0.21 -6.04 21.38
CA LEU C 109 1.43 -5.76 22.11
C LEU C 109 1.35 -4.47 22.90
N ALA C 110 0.74 -3.43 22.31
CA ALA C 110 0.59 -2.16 22.99
C ALA C 110 -0.27 -2.34 24.24
N ALA C 111 -1.33 -3.17 24.12
CA ALA C 111 -2.25 -3.35 25.24
C ALA C 111 -1.62 -4.15 26.40
N HIS C 112 -0.66 -5.00 26.10
CA HIS C 112 -0.07 -5.89 27.08
C HIS C 112 1.31 -5.41 27.56
N LEU C 113 1.93 -4.46 26.84
CA LEU C 113 3.29 -4.03 27.16
C LEU C 113 3.30 -2.54 27.47
N PRO C 114 2.49 -2.05 28.44
CA PRO C 114 2.45 -0.63 28.75
C PRO C 114 3.78 -0.06 29.25
N ALA C 115 4.67 -0.92 29.76
CA ALA C 115 5.94 -0.43 30.27
C ALA C 115 7.06 -0.58 29.24
N GLU C 116 6.87 -1.34 28.12
CA GLU C 116 7.93 -1.65 27.19
C GLU C 116 7.65 -1.26 25.73
N PHE C 117 6.43 -0.86 25.42
CA PHE C 117 6.06 -0.55 24.03
C PHE C 117 6.43 0.90 23.72
N THR C 118 7.73 1.16 23.74
CA THR C 118 8.23 2.50 23.47
C THR C 118 8.03 2.82 21.98
N PRO C 119 8.15 4.10 21.61
CA PRO C 119 8.11 4.47 20.20
C PRO C 119 9.13 3.73 19.34
N ALA C 120 10.36 3.54 19.82
CA ALA C 120 11.36 2.82 19.05
C ALA C 120 10.98 1.35 18.88
N VAL C 121 10.47 0.73 19.95
CA VAL C 121 10.07 -0.67 19.89
C VAL C 121 8.92 -0.82 18.90
N HIS C 122 7.95 0.07 18.97
CA HIS C 122 6.82 0.14 18.04
C HIS C 122 7.35 0.16 16.62
N ALA C 123 8.26 1.10 16.36
CA ALA C 123 8.83 1.28 15.03
C ALA C 123 9.48 0.00 14.55
N SER C 124 10.34 -0.59 15.37
CA SER C 124 11.08 -1.79 14.99
C SER C 124 10.13 -2.97 14.74
N LEU C 125 9.12 -3.14 15.61
CA LEU C 125 8.17 -4.23 15.43
C LEU C 125 7.36 -4.03 14.14
N ASP C 126 6.91 -2.79 13.85
CA ASP C 126 6.19 -2.54 12.62
C ASP C 126 7.03 -2.96 11.42
N LYS C 127 8.31 -2.55 11.38
CA LYS C 127 9.20 -2.96 10.29
C LYS C 127 9.36 -4.48 10.21
N PHE C 128 9.54 -5.12 11.37
CA PHE C 128 9.69 -6.56 11.43
C PHE C 128 8.45 -7.25 10.84
N LEU C 129 7.26 -6.82 11.22
CA LEU C 129 6.05 -7.45 10.70
C LEU C 129 5.85 -7.18 9.20
N ALA C 130 6.30 -6.01 8.70
CA ALA C 130 6.31 -5.71 7.27
C ALA C 130 7.25 -6.69 6.54
N SER C 131 8.45 -6.91 7.11
CA SER C 131 9.41 -7.86 6.53
C SER C 131 8.84 -9.29 6.46
N VAL C 132 8.23 -9.75 7.56
CA VAL C 132 7.58 -11.07 7.59
C VAL C 132 6.49 -11.14 6.52
N SER C 133 5.66 -10.09 6.47
CA SER C 133 4.52 -10.00 5.57
C SER C 133 4.97 -10.06 4.12
N THR C 134 6.09 -9.39 3.82
CA THR C 134 6.66 -9.36 2.49
C THR C 134 7.08 -10.77 2.05
N VAL C 135 7.72 -11.52 2.96
CA VAL C 135 8.13 -12.89 2.67
C VAL C 135 6.91 -13.78 2.41
N LEU C 136 5.89 -13.68 3.28
CA LEU C 136 4.74 -14.55 3.21
C LEU C 136 3.86 -14.23 2.00
N THR C 137 3.96 -13.00 1.42
CA THR C 137 3.18 -12.63 0.26
C THR C 137 3.98 -12.77 -1.04
N SER C 138 5.22 -13.26 -0.95
CA SER C 138 6.08 -13.42 -2.12
C SER C 138 6.12 -14.88 -2.51
N LYS C 139 6.09 -15.16 -3.81
CA LYS C 139 6.43 -16.50 -4.29
C LYS C 139 7.84 -16.46 -4.86
N TYR C 140 8.79 -17.11 -4.17
CA TYR C 140 10.18 -16.98 -4.54
C TYR C 140 10.87 -18.33 -4.72
N ARG C 141 10.12 -19.41 -4.53
CA ARG C 141 10.57 -20.75 -4.88
C ARG C 141 9.50 -21.41 -5.74
N HIS D 2 -21.68 4.20 11.43
CA HIS D 2 -22.55 3.02 11.63
C HIS D 2 -22.08 2.21 12.83
N LEU D 3 -22.16 2.84 14.01
CA LEU D 3 -21.86 2.17 15.26
C LEU D 3 -23.17 1.77 15.95
N THR D 4 -23.18 0.58 16.56
CA THR D 4 -24.30 0.17 17.40
C THR D 4 -24.43 1.16 18.56
N PRO D 5 -25.61 1.27 19.22
CA PRO D 5 -25.73 2.06 20.45
C PRO D 5 -24.75 1.66 21.56
N GLU D 6 -24.49 0.35 21.72
CA GLU D 6 -23.54 -0.15 22.71
C GLU D 6 -22.12 0.27 22.33
N GLU D 7 -21.78 0.24 21.04
CA GLU D 7 -20.49 0.74 20.56
C GLU D 7 -20.34 2.23 20.80
N LYS D 8 -21.43 2.99 20.63
CA LYS D 8 -21.37 4.44 20.86
C LYS D 8 -21.04 4.73 22.32
N SER D 9 -21.65 4.02 23.27
CA SER D 9 -21.43 4.31 24.68
C SER D 9 -20.02 3.91 25.11
N ALA D 10 -19.54 2.78 24.59
CA ALA D 10 -18.17 2.34 24.82
C ALA D 10 -17.16 3.38 24.32
N VAL D 11 -17.34 3.88 23.09
CA VAL D 11 -16.45 4.84 22.46
C VAL D 11 -16.45 6.11 23.30
N THR D 12 -17.65 6.57 23.66
CA THR D 12 -17.86 7.81 24.40
C THR D 12 -17.21 7.72 25.77
N ALA D 13 -17.41 6.59 26.47
CA ALA D 13 -16.90 6.39 27.82
C ALA D 13 -15.37 6.44 27.82
N LEU D 14 -14.74 5.78 26.84
CA LEU D 14 -13.29 5.76 26.80
C LEU D 14 -12.77 7.15 26.46
N TRP D 15 -13.43 7.82 25.50
CA TRP D 15 -12.93 9.09 25.01
C TRP D 15 -12.95 10.14 26.11
N GLY D 16 -13.92 10.03 27.02
CA GLY D 16 -14.04 10.96 28.13
C GLY D 16 -12.86 10.86 29.08
N LYS D 17 -12.10 9.75 29.02
CA LYS D 17 -10.90 9.57 29.81
C LYS D 17 -9.64 9.91 29.03
N VAL D 18 -9.74 10.33 27.76
CA VAL D 18 -8.56 10.54 26.95
C VAL D 18 -8.01 11.91 27.29
N ASN D 19 -6.72 11.98 27.61
CA ASN D 19 -6.10 13.26 27.92
C ASN D 19 -5.86 14.05 26.63
N VAL D 20 -6.57 15.18 26.53
CA VAL D 20 -6.63 16.05 25.37
C VAL D 20 -5.29 16.75 25.12
N ASP D 21 -4.47 16.88 26.16
CA ASP D 21 -3.23 17.62 26.06
C ASP D 21 -2.12 16.77 25.47
N GLU D 22 -2.24 15.43 25.53
CA GLU D 22 -1.11 14.53 25.29
C GLU D 22 -1.35 13.44 24.25
N VAL D 23 -2.56 12.84 24.19
CA VAL D 23 -2.75 11.65 23.35
C VAL D 23 -2.47 11.99 21.88
N GLY D 24 -2.91 13.17 21.42
CA GLY D 24 -2.66 13.60 20.06
C GLY D 24 -1.16 13.73 19.75
N GLY D 25 -0.41 14.36 20.66
CA GLY D 25 1.03 14.51 20.55
C GLY D 25 1.73 13.14 20.52
N GLU D 26 1.23 12.20 21.30
N GLU D 26 1.23 12.18 21.30
CA GLU D 26 1.78 10.85 21.32
CA GLU D 26 1.83 10.86 21.31
C GLU D 26 1.56 10.16 19.98
C GLU D 26 1.56 10.16 19.98
N ALA D 27 0.34 10.30 19.45
CA ALA D 27 0.04 9.67 18.17
C ALA D 27 0.85 10.29 17.03
N LEU D 28 0.92 11.64 16.96
CA LEU D 28 1.72 12.30 15.93
C LEU D 28 3.20 11.93 16.08
N GLY D 29 3.72 11.98 17.31
CA GLY D 29 5.10 11.62 17.58
C GLY D 29 5.41 10.20 17.10
N ARG D 30 4.51 9.26 17.44
CA ARG D 30 4.76 7.89 17.01
C ARG D 30 4.68 7.77 15.48
N LEU D 31 3.80 8.56 14.87
CA LEU D 31 3.73 8.54 13.41
C LEU D 31 5.10 8.93 12.82
N LEU D 32 5.72 9.97 13.37
CA LEU D 32 6.97 10.51 12.88
C LEU D 32 8.13 9.53 13.10
N VAL D 33 8.07 8.76 14.19
CA VAL D 33 9.11 7.79 14.50
C VAL D 33 8.94 6.52 13.66
N VAL D 34 7.71 6.00 13.61
CA VAL D 34 7.42 4.71 12.99
C VAL D 34 7.46 4.80 11.47
N TYR D 35 7.02 5.93 10.91
CA TYR D 35 6.85 6.13 9.47
C TYR D 35 7.64 7.38 9.07
N PRO D 36 8.98 7.29 8.99
CA PRO D 36 9.83 8.49 8.97
C PRO D 36 9.63 9.50 7.84
N TRP D 37 9.09 9.04 6.71
CA TRP D 37 8.80 9.92 5.59
C TRP D 37 7.81 11.00 5.95
N THR D 38 6.97 10.76 6.98
CA THR D 38 5.97 11.73 7.37
C THR D 38 6.67 12.98 7.92
N GLN D 39 7.93 12.85 8.37
CA GLN D 39 8.68 13.99 8.92
C GLN D 39 8.82 15.12 7.89
N ARG D 40 8.77 14.78 6.59
CA ARG D 40 8.96 15.76 5.51
C ARG D 40 7.86 16.82 5.54
N PHE D 41 6.72 16.49 6.13
CA PHE D 41 5.63 17.44 6.20
C PHE D 41 5.77 18.42 7.37
N PHE D 42 6.79 18.26 8.22
CA PHE D 42 6.86 18.97 9.51
C PHE D 42 8.25 19.57 9.73
N GLU D 43 8.89 20.07 8.67
CA GLU D 43 10.22 20.65 8.77
C GLU D 43 10.24 21.83 9.74
N SER D 44 9.14 22.58 9.82
CA SER D 44 9.11 23.74 10.69
C SER D 44 9.05 23.34 12.16
N PHE D 45 8.95 22.03 12.52
CA PHE D 45 8.78 21.66 13.92
C PHE D 45 10.12 21.59 14.64
N GLY D 46 11.26 21.65 13.92
CA GLY D 46 12.55 21.61 14.59
C GLY D 46 13.10 20.20 14.73
N ASP D 47 13.72 19.92 15.88
CA ASP D 47 14.50 18.71 16.07
C ASP D 47 13.57 17.48 16.13
N LEU D 48 13.75 16.59 15.14
CA LEU D 48 13.10 15.28 15.06
C LEU D 48 14.16 14.20 14.88
N SER D 49 15.38 14.45 15.41
CA SER D 49 16.54 13.62 15.08
C SER D 49 16.51 12.24 15.73
N THR D 50 15.91 12.15 16.92
CA THR D 50 15.83 10.92 17.72
C THR D 50 14.39 10.72 18.17
N PRO D 51 14.01 9.50 18.60
CA PRO D 51 12.69 9.33 19.21
C PRO D 51 12.46 10.26 20.39
N ASP D 52 13.49 10.45 21.25
CA ASP D 52 13.30 11.34 22.39
C ASP D 52 13.08 12.80 21.93
N ALA D 53 13.79 13.25 20.91
CA ALA D 53 13.56 14.60 20.38
C ALA D 53 12.12 14.72 19.89
N VAL D 54 11.64 13.72 19.15
CA VAL D 54 10.29 13.82 18.62
C VAL D 54 9.26 13.89 19.76
N MET D 55 9.39 12.96 20.71
CA MET D 55 8.34 12.84 21.71
C MET D 55 8.36 14.00 22.71
N GLY D 56 9.48 14.72 22.81
CA GLY D 56 9.57 15.88 23.68
C GLY D 56 9.37 17.21 22.93
N ASN D 57 9.09 17.14 21.63
CA ASN D 57 9.11 18.32 20.79
C ASN D 57 7.85 19.14 21.04
N PRO D 58 7.95 20.41 21.50
CA PRO D 58 6.74 21.13 21.87
C PRO D 58 5.77 21.40 20.72
N LYS D 59 6.29 21.52 19.49
CA LYS D 59 5.44 21.76 18.32
C LYS D 59 4.68 20.48 17.93
N VAL D 60 5.30 19.32 18.07
CA VAL D 60 4.57 18.06 17.89
C VAL D 60 3.42 17.98 18.90
N LYS D 61 3.69 18.32 20.17
CA LYS D 61 2.65 18.25 21.18
C LYS D 61 1.51 19.21 20.86
N ALA D 62 1.83 20.45 20.49
CA ALA D 62 0.82 21.48 20.24
C ALA D 62 0.02 21.09 19.01
N HIS D 63 0.71 20.63 17.95
CA HIS D 63 -0.03 20.22 16.75
C HIS D 63 -0.92 19.03 17.05
N GLY D 64 -0.39 18.06 17.81
CA GLY D 64 -1.13 16.86 18.13
C GLY D 64 -2.42 17.16 18.88
N LYS D 65 -2.42 18.22 19.71
CA LYS D 65 -3.63 18.66 20.40
C LYS D 65 -4.70 19.07 19.40
N LYS D 66 -4.31 19.74 18.32
CA LYS D 66 -5.27 20.08 17.28
C LYS D 66 -5.77 18.83 16.56
N VAL D 67 -4.88 17.87 16.25
CA VAL D 67 -5.27 16.64 15.60
C VAL D 67 -6.30 15.94 16.49
N LEU D 68 -6.00 15.84 17.80
CA LEU D 68 -6.91 15.20 18.72
C LEU D 68 -8.24 15.94 18.77
N GLY D 69 -8.22 17.26 18.73
CA GLY D 69 -9.46 18.04 18.72
C GLY D 69 -10.33 17.74 17.50
N ALA D 70 -9.68 17.49 16.35
CA ALA D 70 -10.38 17.10 15.16
C ALA D 70 -11.07 15.75 15.36
N PHE D 71 -10.36 14.76 15.93
CA PHE D 71 -10.99 13.48 16.24
C PHE D 71 -12.18 13.66 17.18
N SER D 72 -12.07 14.55 18.18
CA SER D 72 -13.16 14.86 19.11
C SER D 72 -14.37 15.39 18.36
N ASP D 73 -14.12 16.25 17.38
CA ASP D 73 -15.15 16.80 16.52
C ASP D 73 -15.84 15.68 15.75
N GLY D 74 -15.07 14.75 15.17
CA GLY D 74 -15.65 13.64 14.43
C GLY D 74 -16.56 12.81 15.32
N LEU D 75 -16.10 12.57 16.56
CA LEU D 75 -16.85 11.77 17.52
C LEU D 75 -18.17 12.43 17.86
N ALA D 76 -18.22 13.78 17.79
CA ALA D 76 -19.44 14.50 18.11
C ALA D 76 -20.37 14.56 16.88
N HIS D 77 -19.89 14.11 15.71
CA HIS D 77 -20.64 14.20 14.46
C HIS D 77 -20.42 12.93 13.64
N LEU D 78 -20.62 11.77 14.28
CA LEU D 78 -20.38 10.48 13.63
C LEU D 78 -21.26 10.27 12.39
N ASP D 79 -22.42 10.93 12.30
CA ASP D 79 -23.31 10.77 11.17
C ASP D 79 -22.93 11.70 10.02
N ASN D 80 -21.91 12.55 10.20
CA ASN D 80 -21.51 13.45 9.13
C ASN D 80 -20.01 13.76 9.24
N LEU D 81 -19.17 12.72 9.16
CA LEU D 81 -17.72 12.92 9.20
C LEU D 81 -17.24 13.70 7.98
N LYS D 82 -17.85 13.47 6.81
CA LYS D 82 -17.38 14.11 5.59
C LYS D 82 -17.55 15.64 5.67
N GLY D 83 -18.71 16.10 6.15
CA GLY D 83 -18.90 17.52 6.40
C GLY D 83 -17.98 18.07 7.49
N THR D 84 -17.91 17.36 8.62
CA THR D 84 -17.06 17.77 9.72
C THR D 84 -15.65 18.05 9.18
N PHE D 85 -15.15 17.15 8.31
CA PHE D 85 -13.75 17.21 7.89
C PHE D 85 -13.55 17.91 6.56
N ALA D 86 -14.57 18.61 6.01
CA ALA D 86 -14.42 19.17 4.67
C ALA D 86 -13.22 20.12 4.53
N THR D 87 -13.09 21.08 5.45
CA THR D 87 -12.02 22.05 5.43
C THR D 87 -10.65 21.38 5.57
N LEU D 88 -10.53 20.42 6.50
CA LEU D 88 -9.28 19.68 6.68
C LEU D 88 -8.94 18.82 5.46
N SER D 89 -9.97 18.25 4.80
CA SER D 89 -9.76 17.47 3.60
C SER D 89 -9.14 18.30 2.49
N GLU D 90 -9.66 19.53 2.29
CA GLU D 90 -9.06 20.41 1.31
C GLU D 90 -7.62 20.77 1.66
N LEU D 91 -7.33 21.03 2.94
CA LEU D 91 -5.97 21.31 3.36
C LEU D 91 -5.02 20.13 3.06
N HIS D 92 -5.45 18.93 3.47
CA HIS D 92 -4.58 17.77 3.42
C HIS D 92 -4.41 17.26 1.98
N CYS D 93 -5.46 17.36 1.17
CA CYS D 93 -5.45 16.78 -0.17
C CYS D 93 -5.07 17.80 -1.23
N ASP D 94 -5.83 18.90 -1.31
CA ASP D 94 -5.59 19.92 -2.33
C ASP D 94 -4.31 20.72 -2.08
N LYS D 95 -3.97 21.04 -0.82
CA LYS D 95 -2.83 21.89 -0.54
C LYS D 95 -1.57 21.10 -0.22
N LEU D 96 -1.67 20.13 0.71
CA LEU D 96 -0.47 19.43 1.16
C LEU D 96 -0.22 18.17 0.34
N HIS D 97 -1.24 17.63 -0.34
CA HIS D 97 -1.12 16.43 -1.14
C HIS D 97 -0.59 15.25 -0.31
N VAL D 98 -1.12 15.10 0.90
CA VAL D 98 -0.81 13.93 1.73
C VAL D 98 -1.40 12.69 1.08
N ASP D 99 -0.54 11.68 0.95
CA ASP D 99 -1.07 10.42 0.50
C ASP D 99 -2.07 9.92 1.52
N PRO D 100 -3.31 9.57 1.10
CA PRO D 100 -4.36 9.13 2.03
C PRO D 100 -4.05 7.89 2.89
N GLU D 101 -3.15 7.02 2.40
CA GLU D 101 -2.68 5.92 3.24
C GLU D 101 -2.08 6.46 4.55
N ASN D 102 -1.45 7.62 4.52
CA ASN D 102 -0.91 8.21 5.76
C ASN D 102 -2.01 8.60 6.75
N PHE D 103 -3.21 8.96 6.27
CA PHE D 103 -4.35 9.20 7.14
C PHE D 103 -4.69 7.92 7.91
N ARG D 104 -4.71 6.79 7.20
CA ARG D 104 -5.00 5.49 7.81
C ARG D 104 -3.89 5.12 8.80
N LEU D 105 -2.64 5.38 8.44
CA LEU D 105 -1.52 5.10 9.33
C LEU D 105 -1.67 5.89 10.63
N LEU D 106 -1.99 7.20 10.55
CA LEU D 106 -2.12 7.96 11.79
C LEU D 106 -3.30 7.45 12.61
N GLY D 107 -4.44 7.11 11.97
CA GLY D 107 -5.56 6.54 12.71
C GLY D 107 -5.17 5.26 13.45
N ASN D 108 -4.40 4.41 12.79
CA ASN D 108 -3.98 3.16 13.38
C ASN D 108 -2.98 3.41 14.51
N VAL D 109 -2.07 4.39 14.37
CA VAL D 109 -1.17 4.76 15.45
C VAL D 109 -1.98 5.20 16.67
N LEU D 110 -2.99 6.04 16.43
CA LEU D 110 -3.84 6.48 17.53
C LEU D 110 -4.46 5.29 18.26
N VAL D 111 -4.94 4.30 17.49
CA VAL D 111 -5.50 3.11 18.13
C VAL D 111 -4.44 2.42 18.97
N CYS D 112 -3.19 2.35 18.49
CA CYS D 112 -2.11 1.76 19.27
C CYS D 112 -1.90 2.56 20.55
N VAL D 113 -2.02 3.89 20.47
CA VAL D 113 -1.84 4.74 21.63
C VAL D 113 -2.99 4.51 22.63
N LEU D 114 -4.24 4.45 22.18
CA LEU D 114 -5.36 4.13 23.09
C LEU D 114 -5.17 2.77 23.76
N ALA D 115 -4.68 1.77 23.01
CA ALA D 115 -4.44 0.44 23.56
C ALA D 115 -3.41 0.50 24.70
N HIS D 116 -2.29 1.22 24.45
CA HIS D 116 -1.21 1.40 25.41
C HIS D 116 -1.75 1.96 26.73
N HIS D 117 -2.56 2.99 26.59
CA HIS D 117 -3.10 3.73 27.73
C HIS D 117 -4.16 2.94 28.48
N PHE D 118 -5.07 2.31 27.72
CA PHE D 118 -6.26 1.70 28.31
C PHE D 118 -6.10 0.21 28.61
N GLY D 119 -5.08 -0.47 28.05
CA GLY D 119 -4.74 -1.83 28.40
C GLY D 119 -5.96 -2.76 28.32
N LYS D 120 -6.33 -3.37 29.46
CA LYS D 120 -7.43 -4.33 29.50
C LYS D 120 -8.77 -3.72 29.08
N GLU D 121 -8.93 -2.42 29.26
CA GLU D 121 -10.18 -1.75 28.89
C GLU D 121 -10.34 -1.70 27.36
N PHE D 122 -9.20 -1.77 26.63
CA PHE D 122 -9.23 -1.62 25.19
C PHE D 122 -9.46 -3.00 24.57
N THR D 123 -10.66 -3.52 24.80
CA THR D 123 -11.00 -4.87 24.45
C THR D 123 -11.15 -4.98 22.94
N PRO D 124 -11.12 -6.20 22.40
CA PRO D 124 -11.32 -6.37 20.96
C PRO D 124 -12.59 -5.71 20.42
N PRO D 125 -13.75 -5.79 21.11
CA PRO D 125 -14.96 -5.09 20.64
C PRO D 125 -14.86 -3.57 20.74
N VAL D 126 -14.11 -3.05 21.73
CA VAL D 126 -13.91 -1.62 21.85
C VAL D 126 -12.97 -1.18 20.72
N GLN D 127 -11.96 -2.00 20.44
CA GLN D 127 -11.12 -1.69 19.28
C GLN D 127 -11.96 -1.64 18.00
N ALA D 128 -12.79 -2.66 17.78
CA ALA D 128 -13.59 -2.74 16.55
C ALA D 128 -14.42 -1.46 16.33
N ALA D 129 -15.04 -0.94 17.42
CA ALA D 129 -15.76 0.33 17.34
C ALA D 129 -14.83 1.48 16.97
N TYR D 130 -13.66 1.56 17.62
CA TYR D 130 -12.70 2.62 17.28
C TYR D 130 -12.19 2.47 15.85
N GLN D 131 -12.07 1.24 15.37
CA GLN D 131 -11.59 1.09 14.00
C GLN D 131 -12.58 1.66 13.01
N LYS D 132 -13.88 1.55 13.30
CA LYS D 132 -14.89 2.14 12.43
C LYS D 132 -14.75 3.66 12.45
N VAL D 133 -14.47 4.22 13.64
CA VAL D 133 -14.30 5.65 13.77
C VAL D 133 -13.07 6.11 12.97
N VAL D 134 -11.89 5.48 13.18
CA VAL D 134 -10.70 5.96 12.50
C VAL D 134 -10.78 5.70 10.99
N ALA D 135 -11.43 4.63 10.54
CA ALA D 135 -11.68 4.44 9.12
C ALA D 135 -12.57 5.58 8.58
N GLY D 136 -13.64 5.91 9.29
CA GLY D 136 -14.50 7.01 8.87
C GLY D 136 -13.78 8.37 8.82
N VAL D 137 -12.91 8.66 9.81
CA VAL D 137 -12.16 9.90 9.80
C VAL D 137 -11.20 9.93 8.60
N ALA D 138 -10.42 8.87 8.41
CA ALA D 138 -9.49 8.82 7.29
C ALA D 138 -10.19 8.98 5.94
N ASN D 139 -11.33 8.30 5.78
CA ASN D 139 -12.13 8.38 4.57
C ASN D 139 -12.62 9.82 4.36
N ALA D 140 -13.01 10.47 5.44
CA ALA D 140 -13.51 11.84 5.36
C ALA D 140 -12.41 12.83 4.99
N LEU D 141 -11.22 12.63 5.58
CA LEU D 141 -10.07 13.45 5.27
C LEU D 141 -9.64 13.24 3.82
N ALA D 142 -9.84 12.03 3.27
CA ALA D 142 -9.47 11.74 1.88
C ALA D 142 -10.58 12.11 0.89
N HIS D 143 -11.68 12.70 1.35
CA HIS D 143 -12.86 12.91 0.51
C HIS D 143 -12.47 13.66 -0.76
N LYS D 144 -11.57 14.65 -0.64
CA LYS D 144 -11.25 15.51 -1.77
C LYS D 144 -10.42 14.74 -2.81
N TYR D 145 -9.99 13.51 -2.52
CA TYR D 145 -9.43 12.66 -3.58
C TYR D 145 -10.50 11.79 -4.24
N HIS D 146 -11.77 11.77 -3.74
CA HIS D 146 -12.79 10.84 -4.20
C HIS D 146 -13.80 11.47 -5.18
#